data_3AOF
#
_entry.id   3AOF
#
_cell.length_a   62.696
_cell.length_b   77.946
_cell.length_c   62.959
_cell.angle_alpha   90.00
_cell.angle_beta   97.16
_cell.angle_gamma   90.00
#
_symmetry.space_group_name_H-M   'P 1 21 1'
#
loop_
_entity.id
_entity.type
_entity.pdbx_description
1 polymer Endoglucanase
2 branched beta-D-mannopyranose-(1-4)-beta-D-mannopyranose-(1-4)-beta-D-mannopyranose
3 water water
#
_entity_poly.entity_id   1
_entity_poly.type   'polypeptide(L)'
_entity_poly.pdbx_seq_one_letter_code
;MGVDPFERNKILGRGINIGNALEAPNEGDWGVVIKDEFFDIIKEAGFSHVRIPIRWSTHAYAFPPYKIMDRFFKRVDEVI
NGALKRGLAVVINIHHYEELMNDPEEHKERFLALWKQIADRYKDYPETLFFEILNAPHGNLTPEKWNELLEEALKVIRSI
DKKHTIIIGTAEWGGISALEKLSVPKWEKNSIVTIHYYNPFEFTHQGAEWVEGSEKWLGRKWGSPDDQKHLIEEFNFIEE
WSKKNKRPIYIGEFGAYRKADLESRIKWTSFVVREMEKRRWSLAYWEFCSGFGVYDTLRKTWNKDLLEALIGGDSIE
;
_entity_poly.pdbx_strand_id   A,B
#
loop_
_chem_comp.id
_chem_comp.type
_chem_comp.name
_chem_comp.formula
BMA D-saccharide, beta linking beta-D-mannopyranose 'C6 H12 O6'
#
# COMPACT_ATOMS: atom_id res chain seq x y z
N ASP A 4 -24.58 -27.82 7.71
CA ASP A 4 -23.42 -28.70 7.90
C ASP A 4 -22.23 -28.15 7.12
N PRO A 5 -21.22 -27.61 7.82
CA PRO A 5 -20.08 -27.02 7.11
C PRO A 5 -19.29 -28.05 6.30
N PHE A 6 -19.37 -29.33 6.68
CA PHE A 6 -18.72 -30.36 5.88
C PHE A 6 -19.46 -30.55 4.56
N GLU A 7 -20.78 -30.39 4.59
CA GLU A 7 -21.57 -30.44 3.37
C GLU A 7 -21.27 -29.22 2.50
N ARG A 8 -21.12 -28.06 3.14
CA ARG A 8 -20.74 -26.86 2.44
C ARG A 8 -19.35 -27.00 1.80
N ASN A 9 -18.45 -27.69 2.49
CA ASN A 9 -17.10 -27.92 1.95
C ASN A 9 -17.13 -28.80 0.72
N LYS A 10 -18.01 -29.78 0.73
CA LYS A 10 -18.23 -30.65 -0.41
C LYS A 10 -18.76 -29.87 -1.61
N ILE A 11 -19.71 -28.98 -1.36
CA ILE A 11 -20.26 -28.12 -2.40
C ILE A 11 -19.18 -27.24 -3.00
N LEU A 12 -18.30 -26.73 -2.14
CA LEU A 12 -17.21 -25.89 -2.57
C LEU A 12 -16.35 -26.62 -3.60
N GLY A 13 -15.90 -27.83 -3.25
CA GLY A 13 -15.18 -28.69 -4.18
C GLY A 13 -13.90 -28.10 -4.74
N ARG A 14 -13.62 -28.41 -6.00
CA ARG A 14 -12.42 -27.91 -6.67
C ARG A 14 -12.69 -26.57 -7.32
N GLY A 15 -11.76 -25.66 -7.14
CA GLY A 15 -11.91 -24.32 -7.66
C GLY A 15 -10.62 -23.77 -8.22
N ILE A 16 -10.71 -22.54 -8.67
CA ILE A 16 -9.55 -21.84 -9.14
C ILE A 16 -9.64 -20.38 -8.73
N ASN A 17 -8.49 -19.84 -8.35
CA ASN A 17 -8.35 -18.43 -8.03
C ASN A 17 -8.25 -17.61 -9.29
N ILE A 18 -9.03 -16.53 -9.36
CA ILE A 18 -8.83 -15.55 -10.41
C ILE A 18 -8.07 -14.43 -9.74
N GLY A 19 -6.74 -14.57 -9.77
CA GLY A 19 -5.83 -13.66 -9.10
C GLY A 19 -5.15 -12.70 -10.04
N ASN A 20 -4.28 -11.87 -9.46
CA ASN A 20 -3.68 -10.75 -10.18
C ASN A 20 -4.75 -9.86 -10.81
N ALA A 21 -5.87 -9.76 -10.10
CA ALA A 21 -7.06 -9.07 -10.58
C ALA A 21 -7.53 -8.06 -9.54
N LEU A 22 -8.58 -8.38 -8.78
CA LEU A 22 -9.17 -7.44 -7.83
C LEU A 22 -8.37 -7.23 -6.56
N GLU A 23 -7.29 -7.98 -6.37
CA GLU A 23 -6.43 -7.81 -5.20
C GLU A 23 -5.22 -6.93 -5.49
N ALA A 24 -5.05 -6.52 -6.75
CA ALA A 24 -4.09 -5.48 -7.08
C ALA A 24 -4.66 -4.15 -6.57
N PRO A 25 -3.85 -3.06 -6.60
CA PRO A 25 -4.41 -1.79 -6.16
C PRO A 25 -5.64 -1.40 -6.99
N ASN A 26 -5.57 -1.63 -8.29
CA ASN A 26 -6.73 -1.47 -9.15
C ASN A 26 -6.79 -2.64 -10.12
N GLU A 27 -8.00 -3.07 -10.43
CA GLU A 27 -8.18 -4.22 -11.31
C GLU A 27 -7.49 -3.99 -12.65
N GLY A 28 -6.66 -4.94 -13.05
CA GLY A 28 -5.90 -4.85 -14.28
C GLY A 28 -4.45 -4.44 -14.08
N ASP A 29 -4.17 -3.79 -12.96
CA ASP A 29 -2.81 -3.35 -12.65
C ASP A 29 -1.82 -4.50 -12.69
N TRP A 30 -2.27 -5.68 -12.26
CA TRP A 30 -1.38 -6.83 -12.19
C TRP A 30 -1.62 -7.82 -13.32
N GLY A 31 -2.35 -7.37 -14.34
CA GLY A 31 -2.42 -8.12 -15.59
C GLY A 31 -3.72 -8.80 -15.91
N VAL A 32 -4.61 -8.91 -14.92
CA VAL A 32 -5.86 -9.62 -15.15
C VAL A 32 -7.08 -8.76 -14.82
N VAL A 33 -8.02 -8.73 -15.77
CA VAL A 33 -9.34 -8.19 -15.54
C VAL A 33 -10.31 -9.36 -15.61
N ILE A 34 -11.22 -9.46 -14.65
CA ILE A 34 -12.12 -10.61 -14.59
C ILE A 34 -13.23 -10.51 -15.63
N LYS A 35 -13.02 -11.17 -16.75
CA LYS A 35 -13.98 -11.16 -17.84
C LYS A 35 -15.12 -12.11 -17.53
N ASP A 36 -16.32 -11.70 -17.88
CA ASP A 36 -17.51 -12.51 -17.63
C ASP A 36 -17.37 -13.91 -18.24
N GLU A 37 -16.77 -14.00 -19.42
CA GLU A 37 -16.64 -15.29 -20.09
C GLU A 37 -15.73 -16.27 -19.35
N PHE A 38 -14.85 -15.74 -18.50
CA PHE A 38 -14.02 -16.62 -17.67
C PHE A 38 -14.88 -17.61 -16.91
N PHE A 39 -16.08 -17.21 -16.50
CA PHE A 39 -16.92 -18.10 -15.72
C PHE A 39 -17.48 -19.26 -16.56
N ASP A 40 -17.74 -19.01 -17.84
CA ASP A 40 -18.09 -20.10 -18.74
C ASP A 40 -16.92 -21.06 -18.90
N ILE A 41 -15.73 -20.50 -19.12
CA ILE A 41 -14.54 -21.30 -19.34
C ILE A 41 -14.27 -22.20 -18.12
N ILE A 42 -14.36 -21.62 -16.93
CA ILE A 42 -14.04 -22.34 -15.71
C ILE A 42 -15.10 -23.40 -15.38
N LYS A 43 -16.38 -23.05 -15.52
CA LYS A 43 -17.43 -24.02 -15.27
C LYS A 43 -17.37 -25.18 -16.26
N GLU A 44 -17.15 -24.87 -17.53
CA GLU A 44 -17.13 -25.90 -18.56
C GLU A 44 -15.96 -26.87 -18.36
N ALA A 45 -14.87 -26.38 -17.79
CA ALA A 45 -13.69 -27.21 -17.54
C ALA A 45 -13.90 -28.17 -16.37
N GLY A 46 -14.94 -27.94 -15.58
CA GLY A 46 -15.31 -28.88 -14.54
C GLY A 46 -15.13 -28.40 -13.11
N PHE A 47 -14.71 -27.15 -12.94
CA PHE A 47 -14.55 -26.60 -11.59
C PHE A 47 -15.87 -26.33 -10.91
N SER A 48 -15.90 -26.47 -9.60
CA SER A 48 -17.09 -26.18 -8.80
C SER A 48 -17.16 -24.74 -8.29
N HIS A 49 -16.02 -24.09 -8.14
CA HIS A 49 -16.01 -22.74 -7.58
C HIS A 49 -14.88 -21.86 -8.11
N VAL A 50 -15.03 -20.57 -7.87
CA VAL A 50 -13.93 -19.63 -8.05
C VAL A 50 -13.65 -18.93 -6.74
N ARG A 51 -12.37 -18.67 -6.48
CA ARG A 51 -11.97 -17.82 -5.38
C ARG A 51 -11.54 -16.48 -5.96
N ILE A 52 -12.07 -15.41 -5.38
CA ILE A 52 -11.85 -14.06 -5.86
C ILE A 52 -11.16 -13.22 -4.79
N PRO A 53 -9.82 -13.11 -4.87
CA PRO A 53 -9.11 -12.19 -3.97
C PRO A 53 -9.53 -10.76 -4.21
N ILE A 54 -9.81 -10.01 -3.14
CA ILE A 54 -10.32 -8.65 -3.28
C ILE A 54 -9.63 -7.71 -2.30
N ARG A 55 -8.98 -6.67 -2.81
CA ARG A 55 -8.35 -5.69 -1.94
C ARG A 55 -9.32 -4.57 -1.56
N TRP A 56 -10.29 -4.89 -0.72
CA TRP A 56 -11.30 -3.90 -0.32
C TRP A 56 -10.66 -2.67 0.31
N SER A 57 -9.53 -2.86 0.99
CA SER A 57 -8.97 -1.78 1.79
C SER A 57 -8.55 -0.55 0.97
N THR A 58 -8.24 -0.73 -0.30
CA THR A 58 -7.88 0.42 -1.11
C THR A 58 -9.12 1.08 -1.73
N HIS A 59 -10.28 0.49 -1.51
CA HIS A 59 -11.53 0.98 -2.09
C HIS A 59 -12.56 1.34 -1.03
N ALA A 60 -12.06 1.78 0.12
CA ALA A 60 -12.91 2.22 1.22
C ALA A 60 -12.24 3.41 1.86
N TYR A 61 -13.02 4.35 2.38
CA TYR A 61 -12.42 5.51 3.02
C TYR A 61 -11.60 5.14 4.26
N ALA A 62 -10.63 5.99 4.55
CA ALA A 62 -9.70 5.76 5.65
C ALA A 62 -10.23 6.26 6.97
N PHE A 63 -11.33 7.00 6.92
CA PHE A 63 -11.91 7.63 8.10
C PHE A 63 -13.30 7.05 8.34
N PRO A 64 -13.76 7.02 9.61
CA PRO A 64 -15.07 6.43 9.89
C PRO A 64 -16.19 7.10 9.10
N PRO A 65 -17.20 6.33 8.66
CA PRO A 65 -17.42 4.90 8.94
C PRO A 65 -16.74 3.96 7.95
N TYR A 66 -15.67 4.42 7.29
CA TYR A 66 -14.85 3.58 6.43
C TYR A 66 -15.69 2.98 5.29
N LYS A 67 -16.51 3.81 4.69
CA LYS A 67 -17.42 3.36 3.65
C LYS A 67 -16.70 2.82 2.43
N ILE A 68 -17.11 1.65 1.97
CA ILE A 68 -16.62 1.10 0.72
C ILE A 68 -17.17 1.94 -0.44
N MET A 69 -16.33 2.23 -1.41
CA MET A 69 -16.71 3.10 -2.51
C MET A 69 -17.69 2.43 -3.46
N ASP A 70 -18.64 3.22 -3.96
CA ASP A 70 -19.79 2.70 -4.70
C ASP A 70 -19.42 1.91 -5.95
N ARG A 71 -18.54 2.47 -6.77
CA ARG A 71 -18.20 1.85 -8.04
C ARG A 71 -17.54 0.49 -7.81
N PHE A 72 -16.68 0.41 -6.80
CA PHE A 72 -16.01 -0.86 -6.50
C PHE A 72 -17.01 -1.90 -5.99
N PHE A 73 -17.93 -1.49 -5.12
CA PHE A 73 -18.93 -2.43 -4.62
C PHE A 73 -19.73 -2.99 -5.79
N LYS A 74 -20.10 -2.12 -6.73
CA LYS A 74 -20.87 -2.55 -7.90
C LYS A 74 -20.07 -3.54 -8.74
N ARG A 75 -18.77 -3.31 -8.86
CA ARG A 75 -17.92 -4.22 -9.62
C ARG A 75 -17.85 -5.59 -8.97
N VAL A 76 -17.67 -5.62 -7.65
CA VAL A 76 -17.65 -6.90 -6.95
C VAL A 76 -19.00 -7.63 -7.11
N ASP A 77 -20.10 -6.92 -6.97
CA ASP A 77 -21.43 -7.51 -7.23
C ASP A 77 -21.44 -8.20 -8.61
N GLU A 78 -20.95 -7.48 -9.61
CA GLU A 78 -20.96 -7.96 -10.99
C GLU A 78 -20.17 -9.26 -11.13
N VAL A 79 -19.02 -9.31 -10.50
CA VAL A 79 -18.16 -10.51 -10.54
C VAL A 79 -18.84 -11.68 -9.84
N ILE A 80 -19.33 -11.47 -8.62
CA ILE A 80 -20.00 -12.53 -7.89
C ILE A 80 -21.18 -13.08 -8.67
N ASN A 81 -22.02 -12.17 -9.17
CA ASN A 81 -23.20 -12.61 -9.91
C ASN A 81 -22.84 -13.29 -11.22
N GLY A 82 -21.76 -12.86 -11.86
CA GLY A 82 -21.28 -13.52 -13.06
C GLY A 82 -20.95 -14.98 -12.81
N ALA A 83 -20.29 -15.26 -11.70
CA ALA A 83 -19.94 -16.62 -11.33
C ALA A 83 -21.19 -17.43 -10.95
N LEU A 84 -22.06 -16.83 -10.14
CA LEU A 84 -23.27 -17.52 -9.70
C LEU A 84 -24.16 -17.89 -10.89
N LYS A 85 -24.15 -17.06 -11.93
CA LYS A 85 -24.94 -17.32 -13.13
C LYS A 85 -24.61 -18.69 -13.74
N ARG A 86 -23.35 -19.09 -13.62
CA ARG A 86 -22.89 -20.35 -14.21
C ARG A 86 -23.02 -21.53 -13.26
N GLY A 87 -23.55 -21.29 -12.07
CA GLY A 87 -23.65 -22.34 -11.08
C GLY A 87 -22.34 -22.63 -10.35
N LEU A 88 -21.41 -21.69 -10.41
CA LEU A 88 -20.18 -21.77 -9.62
C LEU A 88 -20.44 -21.28 -8.21
N ALA A 89 -19.88 -21.97 -7.23
CA ALA A 89 -19.77 -21.40 -5.90
C ALA A 89 -18.68 -20.33 -5.93
N VAL A 90 -18.68 -19.43 -4.94
CA VAL A 90 -17.81 -18.27 -4.96
C VAL A 90 -17.25 -18.02 -3.58
N VAL A 91 -15.95 -17.82 -3.50
CA VAL A 91 -15.29 -17.40 -2.27
C VAL A 91 -14.81 -15.97 -2.49
N ILE A 92 -15.24 -15.07 -1.60
CA ILE A 92 -14.72 -13.72 -1.57
C ILE A 92 -13.99 -13.51 -0.26
N ASN A 93 -13.01 -12.61 -0.27
CA ASN A 93 -12.20 -12.38 0.92
C ASN A 93 -11.82 -10.93 1.10
N ILE A 94 -10.99 -10.67 2.11
CA ILE A 94 -10.24 -9.43 2.20
C ILE A 94 -8.77 -9.80 2.02
N HIS A 95 -8.16 -9.25 0.99
CA HIS A 95 -6.84 -9.67 0.52
C HIS A 95 -5.90 -8.46 0.46
N HIS A 96 -4.65 -8.66 0.89
CA HIS A 96 -3.64 -7.60 0.87
C HIS A 96 -4.06 -6.35 1.62
N TYR A 97 -4.61 -6.55 2.77
CA TYR A 97 -4.84 -5.41 3.67
C TYR A 97 -3.57 -5.21 4.49
N GLU A 98 -2.59 -4.56 3.88
CA GLU A 98 -1.26 -4.54 4.47
C GLU A 98 -1.16 -3.74 5.77
N GLU A 99 -1.91 -2.65 5.86
CA GLU A 99 -1.89 -1.84 7.07
C GLU A 99 -2.35 -2.62 8.29
N LEU A 100 -3.33 -3.50 8.09
CA LEU A 100 -3.84 -4.31 9.18
C LEU A 100 -2.78 -5.28 9.68
N MET A 101 -1.96 -5.82 8.77
CA MET A 101 -0.87 -6.70 9.17
C MET A 101 0.19 -5.95 9.96
N ASN A 102 0.49 -4.73 9.51
CA ASN A 102 1.57 -3.92 10.10
C ASN A 102 1.17 -3.22 11.40
N ASP A 103 -0.10 -2.87 11.53
CA ASP A 103 -0.62 -2.35 12.79
C ASP A 103 -2.07 -2.72 13.00
N PRO A 104 -2.31 -3.93 13.51
CA PRO A 104 -3.68 -4.43 13.69
C PRO A 104 -4.49 -3.61 14.69
N GLU A 105 -3.81 -2.97 15.63
CA GLU A 105 -4.48 -2.16 16.65
C GLU A 105 -5.17 -0.98 16.00
N GLU A 106 -4.45 -0.28 15.14
CA GLU A 106 -4.97 0.90 14.47
C GLU A 106 -6.11 0.56 13.52
N HIS A 107 -6.03 -0.60 12.89
CA HIS A 107 -6.94 -0.97 11.80
C HIS A 107 -8.05 -1.93 12.16
N LYS A 108 -8.13 -2.31 13.43
CA LYS A 108 -9.15 -3.25 13.87
C LYS A 108 -10.56 -2.79 13.50
N GLU A 109 -10.91 -1.57 13.90
CA GLU A 109 -12.28 -1.12 13.69
C GLU A 109 -12.59 -0.92 12.21
N ARG A 110 -11.60 -0.49 11.44
CA ARG A 110 -11.81 -0.36 10.00
C ARG A 110 -12.06 -1.73 9.35
N PHE A 111 -11.23 -2.71 9.71
CA PHE A 111 -11.43 -4.07 9.23
C PHE A 111 -12.82 -4.60 9.58
N LEU A 112 -13.26 -4.39 10.81
CA LEU A 112 -14.58 -4.83 11.23
C LEU A 112 -15.69 -4.09 10.50
N ALA A 113 -15.46 -2.82 10.17
CA ALA A 113 -16.41 -2.05 9.39
C ALA A 113 -16.51 -2.58 7.97
N LEU A 114 -15.39 -3.05 7.41
CA LEU A 114 -15.44 -3.65 6.08
C LEU A 114 -16.32 -4.90 6.11
N TRP A 115 -16.13 -5.75 7.10
CA TRP A 115 -16.95 -6.96 7.20
C TRP A 115 -18.41 -6.66 7.47
N LYS A 116 -18.70 -5.63 8.26
CA LYS A 116 -20.09 -5.24 8.47
C LYS A 116 -20.73 -4.93 7.11
N GLN A 117 -20.04 -4.13 6.31
CA GLN A 117 -20.57 -3.71 5.02
C GLN A 117 -20.67 -4.85 4.01
N ILE A 118 -19.67 -5.71 3.98
CA ILE A 118 -19.66 -6.84 3.05
C ILE A 118 -20.76 -7.83 3.43
N ALA A 119 -20.88 -8.14 4.72
CA ALA A 119 -21.95 -9.03 5.17
C ALA A 119 -23.32 -8.44 4.86
N ASP A 120 -23.48 -7.15 5.12
CA ASP A 120 -24.75 -6.48 4.82
C ASP A 120 -25.07 -6.58 3.33
N ARG A 121 -24.06 -6.38 2.49
CA ARG A 121 -24.25 -6.40 1.05
C ARG A 121 -24.70 -7.77 0.56
N TYR A 122 -24.14 -8.83 1.13
CA TYR A 122 -24.30 -10.17 0.56
C TYR A 122 -25.12 -11.14 1.39
N LYS A 123 -25.73 -10.67 2.47
CA LYS A 123 -26.42 -11.57 3.39
C LYS A 123 -27.54 -12.35 2.73
N ASP A 124 -28.15 -11.79 1.69
CA ASP A 124 -29.25 -12.50 1.03
C ASP A 124 -28.85 -13.10 -0.31
N TYR A 125 -27.55 -13.08 -0.61
CA TYR A 125 -27.04 -13.83 -1.76
C TYR A 125 -27.14 -15.34 -1.48
N PRO A 126 -27.03 -16.17 -2.53
CA PRO A 126 -27.17 -17.61 -2.36
C PRO A 126 -26.19 -18.25 -1.38
N GLU A 127 -26.54 -19.42 -0.89
CA GLU A 127 -25.76 -20.16 0.10
C GLU A 127 -24.45 -20.68 -0.45
N THR A 128 -24.23 -20.53 -1.76
CA THR A 128 -23.00 -20.98 -2.38
C THR A 128 -21.94 -19.87 -2.46
N LEU A 129 -22.22 -18.75 -1.81
CA LEU A 129 -21.23 -17.70 -1.59
C LEU A 129 -20.61 -17.90 -0.21
N PHE A 130 -19.28 -17.83 -0.16
CA PHE A 130 -18.52 -18.07 1.07
C PHE A 130 -17.75 -16.80 1.45
N PHE A 131 -17.69 -16.50 2.74
CA PHE A 131 -17.00 -15.32 3.25
C PHE A 131 -15.68 -15.71 3.90
N GLU A 132 -14.56 -15.35 3.29
CA GLU A 132 -13.26 -15.67 3.83
C GLU A 132 -12.70 -14.44 4.55
N ILE A 133 -12.55 -14.55 5.88
CA ILE A 133 -12.31 -13.40 6.74
C ILE A 133 -11.11 -12.55 6.34
N LEU A 134 -9.95 -13.17 6.17
CA LEU A 134 -8.75 -12.40 5.90
C LEU A 134 -7.68 -13.28 5.29
N ASN A 135 -7.16 -12.87 4.13
CA ASN A 135 -6.11 -13.64 3.51
C ASN A 135 -4.79 -13.59 4.25
N ALA A 136 -4.25 -14.76 4.56
CA ALA A 136 -2.88 -14.93 5.02
C ALA A 136 -2.38 -13.88 6.03
N PRO A 137 -3.01 -13.81 7.21
CA PRO A 137 -2.53 -12.93 8.29
C PRO A 137 -1.05 -13.18 8.55
N HIS A 138 -0.29 -12.11 8.80
CA HIS A 138 1.14 -12.23 9.06
C HIS A 138 1.68 -10.99 9.75
N GLY A 139 2.96 -11.01 10.06
CA GLY A 139 3.63 -9.84 10.60
C GLY A 139 3.19 -9.53 12.02
N ASN A 140 2.81 -8.28 12.26
CA ASN A 140 2.39 -7.87 13.59
C ASN A 140 1.01 -8.44 13.96
N LEU A 141 0.26 -8.90 12.96
CA LEU A 141 -0.93 -9.67 13.22
C LEU A 141 -0.50 -11.11 13.52
N THR A 142 -0.07 -11.32 14.76
CA THR A 142 0.49 -12.60 15.19
C THR A 142 -0.59 -13.66 15.35
N PRO A 143 -0.19 -14.93 15.49
CA PRO A 143 -1.20 -15.97 15.70
C PRO A 143 -2.15 -15.66 16.87
N GLU A 144 -1.64 -15.18 17.99
CA GLU A 144 -2.52 -14.92 19.12
C GLU A 144 -3.43 -13.72 18.87
N LYS A 145 -2.93 -12.70 18.19
CA LYS A 145 -3.77 -11.56 17.84
C LYS A 145 -4.82 -11.94 16.80
N TRP A 146 -4.45 -12.83 15.88
CA TRP A 146 -5.38 -13.31 14.86
C TRP A 146 -6.53 -14.11 15.50
N ASN A 147 -6.24 -14.93 16.50
CA ASN A 147 -7.32 -15.66 17.16
C ASN A 147 -8.36 -14.71 17.74
N GLU A 148 -7.90 -13.60 18.32
CA GLU A 148 -8.82 -12.60 18.85
C GLU A 148 -9.55 -11.87 17.73
N LEU A 149 -8.82 -11.45 16.71
CA LEU A 149 -9.42 -10.68 15.63
C LEU A 149 -10.43 -11.47 14.83
N LEU A 150 -10.11 -12.74 14.56
CA LEU A 150 -11.02 -13.56 13.77
C LEU A 150 -12.32 -13.79 14.53
N GLU A 151 -12.25 -13.90 15.85
CA GLU A 151 -13.47 -14.04 16.63
C GLU A 151 -14.30 -12.75 16.57
N GLU A 152 -13.64 -11.60 16.63
CA GLU A 152 -14.36 -10.35 16.49
C GLU A 152 -15.05 -10.26 15.14
N ALA A 153 -14.37 -10.73 14.09
CA ALA A 153 -14.95 -10.72 12.76
C ALA A 153 -16.14 -11.69 12.68
N LEU A 154 -16.00 -12.86 13.28
CA LEU A 154 -17.11 -13.81 13.33
C LEU A 154 -18.33 -13.19 13.98
N LYS A 155 -18.12 -12.48 15.09
CA LYS A 155 -19.22 -11.83 15.78
C LYS A 155 -19.90 -10.79 14.90
N VAL A 156 -19.11 -9.98 14.20
CA VAL A 156 -19.69 -8.99 13.29
C VAL A 156 -20.50 -9.66 12.19
N ILE A 157 -19.89 -10.64 11.53
CA ILE A 157 -20.59 -11.30 10.42
C ILE A 157 -21.86 -12.00 10.90
N ARG A 158 -21.77 -12.74 12.00
CA ARG A 158 -22.91 -13.49 12.51
C ARG A 158 -24.02 -12.61 13.08
N SER A 159 -23.71 -11.37 13.44
CA SER A 159 -24.75 -10.43 13.88
C SER A 159 -25.65 -10.06 12.72
N ILE A 160 -25.17 -10.30 11.50
CA ILE A 160 -25.85 -9.90 10.28
C ILE A 160 -26.33 -11.10 9.45
N ASP A 161 -25.56 -12.19 9.50
CA ASP A 161 -25.71 -13.29 8.54
C ASP A 161 -25.38 -14.61 9.22
N LYS A 162 -26.38 -15.46 9.37
CA LYS A 162 -26.18 -16.80 9.92
C LYS A 162 -26.44 -17.87 8.87
N LYS A 163 -26.34 -17.48 7.61
CA LYS A 163 -26.59 -18.39 6.49
C LYS A 163 -25.31 -18.83 5.80
N HIS A 164 -24.40 -17.89 5.55
CA HIS A 164 -23.19 -18.18 4.78
C HIS A 164 -22.09 -18.83 5.61
N THR A 165 -21.43 -19.80 5.00
CA THR A 165 -20.26 -20.41 5.59
C THR A 165 -19.11 -19.41 5.57
N ILE A 166 -18.39 -19.36 6.68
CA ILE A 166 -17.23 -18.49 6.81
C ILE A 166 -15.96 -19.32 6.70
N ILE A 167 -14.94 -18.75 6.06
CA ILE A 167 -13.67 -19.45 5.85
C ILE A 167 -12.58 -18.72 6.64
N ILE A 168 -11.85 -19.50 7.44
CA ILE A 168 -10.93 -18.96 8.43
C ILE A 168 -9.54 -19.49 8.16
N GLY A 169 -8.59 -18.59 7.89
CA GLY A 169 -7.24 -19.00 7.57
C GLY A 169 -6.34 -19.05 8.78
N THR A 170 -5.07 -19.37 8.53
CA THR A 170 -4.06 -19.43 9.58
C THR A 170 -3.15 -18.21 9.49
N ALA A 171 -2.45 -17.94 10.59
CA ALA A 171 -1.52 -16.82 10.63
C ALA A 171 -0.16 -17.22 10.08
N GLU A 172 0.87 -16.41 10.35
CA GLU A 172 2.21 -16.67 9.81
C GLU A 172 2.16 -16.96 8.31
N TRP A 173 1.40 -16.14 7.57
CA TRP A 173 1.31 -16.21 6.12
C TRP A 173 0.40 -17.30 5.55
N GLY A 174 -0.42 -17.92 6.40
CA GLY A 174 -1.53 -18.74 5.92
C GLY A 174 -1.24 -20.19 5.58
N GLY A 175 -0.06 -20.68 5.96
CA GLY A 175 0.31 -22.06 5.69
C GLY A 175 0.12 -22.95 6.89
N ILE A 176 0.90 -24.02 6.97
CA ILE A 176 0.74 -24.99 8.05
C ILE A 176 1.46 -24.59 9.34
N SER A 177 2.41 -23.66 9.24
CA SER A 177 3.29 -23.40 10.38
C SER A 177 2.54 -22.93 11.63
N ALA A 178 1.42 -22.21 11.44
CA ALA A 178 0.66 -21.69 12.58
C ALA A 178 -0.67 -22.39 12.78
N LEU A 179 -0.88 -23.51 12.09
CA LEU A 179 -2.15 -24.21 12.20
C LEU A 179 -2.42 -24.66 13.63
N GLU A 180 -1.41 -25.20 14.30
CA GLU A 180 -1.54 -25.67 15.67
C GLU A 180 -1.98 -24.54 16.61
N LYS A 181 -1.64 -23.30 16.26
CA LYS A 181 -1.98 -22.15 17.09
C LYS A 181 -3.39 -21.63 16.84
N LEU A 182 -4.00 -22.03 15.73
CA LEU A 182 -5.32 -21.53 15.37
C LEU A 182 -6.40 -21.99 16.34
N SER A 183 -7.27 -21.06 16.73
CA SER A 183 -8.43 -21.40 17.53
C SER A 183 -9.69 -20.85 16.86
N VAL A 184 -10.62 -21.74 16.56
CA VAL A 184 -11.93 -21.33 16.07
C VAL A 184 -12.92 -21.52 17.21
N PRO A 185 -13.60 -20.44 17.62
CA PRO A 185 -14.48 -20.50 18.79
C PRO A 185 -15.54 -21.59 18.67
N LYS A 186 -15.79 -22.28 19.78
CA LYS A 186 -16.75 -23.37 19.80
C LYS A 186 -18.17 -22.93 19.41
N TRP A 187 -18.52 -21.67 19.72
CA TRP A 187 -19.86 -21.19 19.44
C TRP A 187 -20.14 -21.08 17.95
N GLU A 188 -19.09 -20.94 17.14
CA GLU A 188 -19.24 -20.85 15.69
C GLU A 188 -19.29 -22.25 15.08
N LYS A 189 -20.36 -22.52 14.32
CA LYS A 189 -20.65 -23.89 13.88
C LYS A 189 -20.72 -24.06 12.37
N ASN A 190 -20.41 -23.01 11.61
CA ASN A 190 -20.54 -23.05 10.17
C ASN A 190 -19.34 -22.37 9.50
N SER A 191 -18.16 -22.93 9.77
CA SER A 191 -16.93 -22.41 9.23
C SER A 191 -16.04 -23.54 8.67
N ILE A 192 -15.21 -23.16 7.72
CA ILE A 192 -14.23 -24.04 7.09
C ILE A 192 -12.87 -23.41 7.34
N VAL A 193 -11.88 -24.23 7.67
CA VAL A 193 -10.53 -23.73 7.90
C VAL A 193 -9.73 -23.83 6.60
N THR A 194 -9.03 -22.77 6.25
CA THR A 194 -8.28 -22.76 4.99
C THR A 194 -6.77 -22.67 5.22
N ILE A 195 -6.04 -23.42 4.40
CA ILE A 195 -4.59 -23.44 4.43
C ILE A 195 -4.12 -23.20 3.00
N HIS A 196 -3.02 -22.45 2.87
CA HIS A 196 -2.37 -22.29 1.58
C HIS A 196 -1.19 -23.23 1.54
N TYR A 197 -1.14 -24.08 0.53
CA TYR A 197 -0.09 -25.07 0.48
C TYR A 197 0.84 -24.87 -0.70
N TYR A 198 2.07 -24.47 -0.39
CA TYR A 198 3.06 -24.15 -1.41
C TYR A 198 4.38 -24.88 -1.19
N ASN A 199 4.36 -25.91 -0.36
CA ASN A 199 5.60 -26.60 -0.04
C ASN A 199 5.96 -27.66 -1.09
N PRO A 200 7.26 -27.79 -1.42
CA PRO A 200 8.37 -26.98 -0.90
C PRO A 200 8.36 -25.57 -1.49
N PHE A 201 8.43 -24.56 -0.63
CA PHE A 201 8.31 -23.18 -1.05
C PHE A 201 9.37 -22.83 -2.08
N GLU A 202 10.58 -23.36 -1.88
CA GLU A 202 11.69 -23.11 -2.80
C GLU A 202 11.37 -23.62 -4.20
N PHE A 203 10.65 -24.73 -4.29
CA PHE A 203 10.23 -25.22 -5.59
C PHE A 203 9.14 -24.36 -6.22
N THR A 204 8.07 -24.12 -5.48
CA THR A 204 6.90 -23.45 -6.06
C THR A 204 7.13 -21.97 -6.36
N HIS A 205 8.06 -21.35 -5.65
CA HIS A 205 8.31 -19.92 -5.81
C HIS A 205 9.67 -19.59 -6.38
N GLN A 206 10.33 -20.59 -6.98
CA GLN A 206 11.64 -20.36 -7.57
C GLN A 206 11.58 -19.24 -8.60
N GLY A 207 12.49 -18.29 -8.47
CA GLY A 207 12.58 -17.17 -9.40
C GLY A 207 11.50 -16.11 -9.28
N ALA A 208 10.61 -16.24 -8.29
CA ALA A 208 9.58 -15.23 -8.09
C ALA A 208 10.20 -13.88 -7.74
N GLU A 209 9.99 -12.90 -8.62
CA GLU A 209 10.64 -11.60 -8.53
C GLU A 209 10.36 -10.83 -7.24
N TRP A 210 9.32 -11.23 -6.51
CA TRP A 210 8.92 -10.52 -5.29
C TRP A 210 9.35 -11.25 -4.03
N VAL A 211 10.06 -12.37 -4.19
CA VAL A 211 10.48 -13.17 -3.05
C VAL A 211 11.99 -13.12 -2.85
N GLU A 212 12.39 -12.70 -1.65
CA GLU A 212 13.82 -12.54 -1.34
C GLU A 212 14.62 -13.83 -1.50
N GLY A 213 15.64 -13.78 -2.34
CA GLY A 213 16.58 -14.87 -2.50
C GLY A 213 16.05 -16.03 -3.35
N SER A 214 14.95 -15.81 -4.05
CA SER A 214 14.31 -16.87 -4.82
C SER A 214 15.10 -17.27 -6.06
N GLU A 215 15.96 -16.39 -6.55
CA GLU A 215 16.75 -16.70 -7.74
C GLU A 215 17.68 -17.88 -7.47
N LYS A 216 18.01 -18.10 -6.20
CA LYS A 216 18.88 -19.20 -5.80
C LYS A 216 18.18 -20.55 -5.92
N TRP A 217 16.88 -20.52 -6.22
CA TRP A 217 16.08 -21.74 -6.28
C TRP A 217 15.77 -22.18 -7.71
N LEU A 218 16.09 -21.31 -8.67
CA LEU A 218 15.79 -21.57 -10.07
C LEU A 218 16.38 -22.89 -10.57
N GLY A 219 15.53 -23.73 -11.15
CA GLY A 219 15.95 -25.02 -11.66
C GLY A 219 15.58 -26.17 -10.76
N ARG A 220 15.14 -25.86 -9.54
CA ARG A 220 14.74 -26.86 -8.57
C ARG A 220 13.64 -27.76 -9.14
N LYS A 221 13.85 -29.07 -9.06
CA LYS A 221 12.88 -30.04 -9.55
C LYS A 221 12.01 -30.57 -8.41
N TRP A 222 10.94 -31.27 -8.77
CA TRP A 222 10.11 -31.95 -7.78
C TRP A 222 9.59 -33.26 -8.37
N GLY A 223 9.56 -34.30 -7.55
CA GLY A 223 8.92 -35.53 -7.97
C GLY A 223 9.46 -36.84 -7.42
N SER A 224 10.53 -36.79 -6.62
CA SER A 224 11.10 -38.03 -6.09
C SER A 224 10.16 -38.70 -5.08
N PRO A 225 10.38 -39.99 -4.80
CA PRO A 225 9.59 -40.66 -3.77
C PRO A 225 9.70 -39.94 -2.42
N ASP A 226 10.89 -39.47 -2.08
CA ASP A 226 11.05 -38.77 -0.81
C ASP A 226 10.28 -37.43 -0.80
N ASP A 227 10.26 -36.73 -1.94
CA ASP A 227 9.47 -35.50 -2.06
C ASP A 227 8.02 -35.79 -1.72
N GLN A 228 7.53 -36.91 -2.24
CA GLN A 228 6.13 -37.27 -2.08
C GLN A 228 5.82 -37.65 -0.64
N LYS A 229 6.74 -38.39 0.00
CA LYS A 229 6.54 -38.79 1.39
C LYS A 229 6.50 -37.59 2.32
N HIS A 230 7.35 -36.60 2.04
CA HIS A 230 7.38 -35.40 2.87
C HIS A 230 6.06 -34.66 2.80
N LEU A 231 5.52 -34.56 1.59
CA LEU A 231 4.27 -33.85 1.38
C LEU A 231 3.13 -34.61 2.06
N ILE A 232 3.13 -35.92 1.93
CA ILE A 232 2.12 -36.74 2.58
C ILE A 232 2.14 -36.54 4.10
N GLU A 233 3.33 -36.46 4.68
CA GLU A 233 3.45 -36.23 6.12
C GLU A 233 2.80 -34.92 6.53
N GLU A 234 3.00 -33.87 5.73
CA GLU A 234 2.41 -32.58 6.03
C GLU A 234 0.88 -32.64 5.88
N PHE A 235 0.42 -33.34 4.85
CA PHE A 235 -1.02 -33.50 4.69
C PHE A 235 -1.63 -34.31 5.83
N ASN A 236 -0.89 -35.30 6.32
CA ASN A 236 -1.34 -36.08 7.49
C ASN A 236 -1.47 -35.19 8.72
N PHE A 237 -0.54 -34.26 8.88
CA PHE A 237 -0.59 -33.30 9.97
C PHE A 237 -1.86 -32.45 9.92
N ILE A 238 -2.17 -31.93 8.73
CA ILE A 238 -3.37 -31.12 8.53
C ILE A 238 -4.61 -31.94 8.83
N GLU A 239 -4.65 -33.16 8.29
CA GLU A 239 -5.80 -34.02 8.46
C GLU A 239 -6.03 -34.36 9.93
N GLU A 240 -4.94 -34.63 10.66
CA GLU A 240 -5.03 -34.91 12.08
C GLU A 240 -5.61 -33.71 12.84
N TRP A 241 -5.17 -32.52 12.47
CA TRP A 241 -5.68 -31.30 13.08
C TRP A 241 -7.18 -31.14 12.81
N SER A 242 -7.57 -31.40 11.56
CA SER A 242 -8.97 -31.33 11.17
C SER A 242 -9.84 -32.28 11.98
N LYS A 243 -9.36 -33.51 12.15
CA LYS A 243 -10.08 -34.54 12.90
C LYS A 243 -10.22 -34.16 14.37
N LYS A 244 -9.12 -33.65 14.95
CA LYS A 244 -9.11 -33.27 16.36
C LYS A 244 -9.99 -32.06 16.63
N ASN A 245 -9.95 -31.09 15.71
CA ASN A 245 -10.70 -29.84 15.88
C ASN A 245 -12.07 -29.85 15.22
N LYS A 246 -12.38 -30.93 14.52
CA LYS A 246 -13.68 -31.08 13.86
C LYS A 246 -14.04 -29.88 12.98
N ARG A 247 -13.12 -29.50 12.12
CA ARG A 247 -13.37 -28.43 11.15
C ARG A 247 -12.98 -28.94 9.77
N PRO A 248 -13.79 -28.63 8.75
CA PRO A 248 -13.43 -29.02 7.38
C PRO A 248 -12.23 -28.22 6.87
N ILE A 249 -11.56 -28.75 5.87
CA ILE A 249 -10.36 -28.13 5.33
C ILE A 249 -10.53 -27.72 3.86
N TYR A 250 -10.11 -26.50 3.56
CA TYR A 250 -10.07 -25.94 2.22
C TYR A 250 -8.64 -25.52 1.93
N ILE A 251 -8.00 -26.12 0.93
CA ILE A 251 -6.69 -25.64 0.52
C ILE A 251 -6.92 -24.52 -0.50
N GLY A 252 -7.03 -23.30 0.01
CA GLY A 252 -7.52 -22.18 -0.78
C GLY A 252 -6.56 -21.63 -1.81
N GLU A 253 -5.28 -21.94 -1.66
CA GLU A 253 -4.27 -21.67 -2.68
C GLU A 253 -3.27 -22.80 -2.69
N PHE A 254 -2.88 -23.22 -3.90
CA PHE A 254 -1.73 -24.09 -4.11
C PHE A 254 -1.36 -23.94 -5.58
N GLY A 255 -0.06 -23.96 -5.90
CA GLY A 255 0.37 -23.85 -7.28
C GLY A 255 1.86 -23.60 -7.36
N ALA A 256 2.42 -23.82 -8.54
CA ALA A 256 3.85 -23.61 -8.78
C ALA A 256 4.07 -22.59 -9.89
N TYR A 257 5.02 -21.70 -9.67
CA TYR A 257 5.29 -20.59 -10.56
C TYR A 257 5.82 -21.07 -11.91
N ARG A 258 5.52 -20.31 -12.95
CA ARG A 258 5.87 -20.66 -14.32
C ARG A 258 7.37 -20.88 -14.54
N LYS A 259 8.21 -20.31 -13.70
CA LYS A 259 9.66 -20.44 -13.87
C LYS A 259 10.16 -21.83 -13.48
N ALA A 260 9.34 -22.57 -12.73
CA ALA A 260 9.64 -23.97 -12.43
C ALA A 260 9.47 -24.79 -13.70
N ASP A 261 10.26 -25.83 -13.85
CA ASP A 261 10.15 -26.66 -15.05
C ASP A 261 8.77 -27.29 -15.15
N LEU A 262 8.23 -27.32 -16.36
CA LEU A 262 6.84 -27.72 -16.57
C LEU A 262 6.57 -29.14 -16.08
N GLU A 263 7.47 -30.06 -16.39
CA GLU A 263 7.29 -31.45 -15.96
C GLU A 263 7.16 -31.54 -14.43
N SER A 264 8.00 -30.82 -13.70
CA SER A 264 7.91 -30.80 -12.24
C SER A 264 6.60 -30.14 -11.76
N ARG A 265 6.20 -29.05 -12.41
CA ARG A 265 4.94 -28.41 -12.08
C ARG A 265 3.78 -29.39 -12.21
N ILE A 266 3.76 -30.15 -13.30
CA ILE A 266 2.68 -31.11 -13.50
C ILE A 266 2.69 -32.19 -12.42
N LYS A 267 3.87 -32.72 -12.11
CA LYS A 267 3.95 -33.79 -11.12
C LYS A 267 3.50 -33.31 -9.75
N TRP A 268 3.95 -32.13 -9.36
CA TRP A 268 3.60 -31.57 -8.06
C TRP A 268 2.10 -31.29 -8.01
N THR A 269 1.58 -30.63 -9.04
CA THR A 269 0.17 -30.24 -9.05
C THR A 269 -0.73 -31.48 -9.04
N SER A 270 -0.41 -32.45 -9.87
CA SER A 270 -1.23 -33.65 -9.95
C SER A 270 -1.19 -34.41 -8.63
N PHE A 271 0.00 -34.55 -8.06
CA PHE A 271 0.16 -35.28 -6.81
C PHE A 271 -0.60 -34.62 -5.66
N VAL A 272 -0.42 -33.31 -5.50
CA VAL A 272 -1.09 -32.64 -4.39
C VAL A 272 -2.61 -32.77 -4.54
N VAL A 273 -3.13 -32.63 -5.75
CA VAL A 273 -4.57 -32.75 -5.93
C VAL A 273 -5.08 -34.15 -5.56
N ARG A 274 -4.37 -35.20 -5.99
CA ARG A 274 -4.78 -36.56 -5.65
C ARG A 274 -4.80 -36.75 -4.13
N GLU A 275 -3.80 -36.19 -3.45
CA GLU A 275 -3.70 -36.35 -2.01
C GLU A 275 -4.73 -35.52 -1.26
N MET A 276 -5.07 -34.35 -1.78
CA MET A 276 -6.15 -33.56 -1.20
C MET A 276 -7.48 -34.28 -1.34
N GLU A 277 -7.71 -34.88 -2.51
CA GLU A 277 -8.95 -35.60 -2.78
C GLU A 277 -9.12 -36.80 -1.85
N LYS A 278 -8.03 -37.53 -1.61
CA LYS A 278 -8.09 -38.68 -0.71
C LYS A 278 -8.56 -38.25 0.67
N ARG A 279 -8.30 -37.00 1.01
CA ARG A 279 -8.67 -36.48 2.33
C ARG A 279 -9.98 -35.69 2.31
N ARG A 280 -10.64 -35.66 1.15
CA ARG A 280 -11.95 -35.05 0.99
C ARG A 280 -11.93 -33.54 1.22
N TRP A 281 -10.77 -32.94 1.00
CA TRP A 281 -10.66 -31.49 1.14
C TRP A 281 -11.19 -30.77 -0.10
N SER A 282 -11.67 -29.55 0.10
CA SER A 282 -11.87 -28.63 -1.02
C SER A 282 -10.52 -27.97 -1.33
N LEU A 283 -10.42 -27.34 -2.51
CA LEU A 283 -9.12 -26.88 -2.98
C LEU A 283 -9.31 -25.87 -4.10
N ALA A 284 -8.40 -24.90 -4.18
CA ALA A 284 -8.43 -23.90 -5.24
C ALA A 284 -7.02 -23.60 -5.73
N TYR A 285 -6.81 -23.80 -7.03
CA TYR A 285 -5.52 -23.59 -7.65
C TYR A 285 -5.17 -22.10 -7.75
N TRP A 286 -3.92 -21.79 -7.46
CA TRP A 286 -3.36 -20.46 -7.71
C TRP A 286 -2.46 -20.55 -8.94
N GLU A 287 -2.82 -19.91 -10.06
CA GLU A 287 -4.07 -19.19 -10.31
C GLU A 287 -4.44 -19.37 -11.79
N PHE A 288 -5.54 -18.75 -12.20
CA PHE A 288 -6.15 -19.02 -13.50
C PHE A 288 -5.25 -18.77 -14.72
N CYS A 289 -4.69 -17.57 -14.85
CA CYS A 289 -4.17 -17.18 -16.16
C CYS A 289 -2.93 -16.28 -16.17
N SER A 290 -2.24 -16.18 -15.04
CA SER A 290 -1.13 -15.24 -14.87
C SER A 290 0.20 -16.00 -14.72
N GLY A 291 1.02 -15.56 -13.77
CA GLY A 291 2.35 -16.13 -13.57
C GLY A 291 2.38 -17.57 -13.10
N PHE A 292 1.29 -18.03 -12.47
CA PHE A 292 1.12 -19.42 -12.07
C PHE A 292 0.07 -20.07 -12.98
N GLY A 293 -0.23 -19.43 -14.11
CA GLY A 293 -1.44 -19.74 -14.86
C GLY A 293 -1.51 -21.08 -15.57
N VAL A 294 -2.74 -21.53 -15.77
CA VAL A 294 -2.99 -22.79 -16.48
C VAL A 294 -3.87 -22.58 -17.71
N TYR A 295 -4.37 -21.37 -17.91
CA TYR A 295 -5.18 -21.04 -19.07
C TYR A 295 -4.59 -19.81 -19.77
N ASP A 296 -4.49 -19.90 -21.09
CA ASP A 296 -3.96 -18.82 -21.92
C ASP A 296 -5.15 -18.04 -22.47
N THR A 297 -5.36 -16.83 -21.97
CA THR A 297 -6.54 -16.05 -22.33
C THR A 297 -6.46 -15.46 -23.74
N LEU A 298 -5.26 -15.36 -24.28
CA LEU A 298 -5.11 -14.93 -25.67
C LEU A 298 -5.47 -16.07 -26.63
N ARG A 299 -4.85 -17.23 -26.43
CA ARG A 299 -5.07 -18.38 -27.29
C ARG A 299 -6.37 -19.11 -26.99
N LYS A 300 -6.92 -18.85 -25.81
CA LYS A 300 -8.13 -19.52 -25.33
C LYS A 300 -7.94 -21.02 -25.23
N THR A 301 -6.82 -21.40 -24.60
CA THR A 301 -6.48 -22.80 -24.45
C THR A 301 -5.93 -23.07 -23.06
N TRP A 302 -6.30 -24.22 -22.52
CA TRP A 302 -5.75 -24.70 -21.26
C TRP A 302 -4.42 -25.39 -21.52
N ASN A 303 -3.52 -25.35 -20.55
CA ASN A 303 -2.47 -26.34 -20.55
C ASN A 303 -3.13 -27.66 -20.18
N LYS A 304 -3.18 -28.57 -21.14
CA LYS A 304 -3.97 -29.78 -20.98
C LYS A 304 -3.48 -30.65 -19.83
N ASP A 305 -2.18 -30.70 -19.62
CA ASP A 305 -1.63 -31.55 -18.57
C ASP A 305 -1.92 -30.98 -17.19
N LEU A 306 -1.83 -29.66 -17.05
CA LEU A 306 -2.16 -29.04 -15.79
C LEU A 306 -3.66 -29.06 -15.52
N LEU A 307 -4.48 -28.90 -16.56
CA LEU A 307 -5.92 -29.03 -16.35
C LEU A 307 -6.28 -30.44 -15.91
N GLU A 308 -5.67 -31.44 -16.52
CA GLU A 308 -5.92 -32.82 -16.13
C GLU A 308 -5.49 -33.05 -14.68
N ALA A 309 -4.37 -32.45 -14.29
CA ALA A 309 -3.91 -32.53 -12.91
C ALA A 309 -4.95 -31.96 -11.94
N LEU A 310 -5.61 -30.88 -12.34
CA LEU A 310 -6.57 -30.22 -11.46
C LEU A 310 -7.94 -30.88 -11.45
N ILE A 311 -8.35 -31.35 -12.63
CA ILE A 311 -9.69 -31.87 -12.87
C ILE A 311 -10.79 -30.97 -12.29
N ASP B 4 23.46 32.61 -0.25
CA ASP B 4 22.47 32.85 -1.30
C ASP B 4 21.53 31.67 -1.44
N PRO B 5 20.29 31.83 -0.96
CA PRO B 5 19.32 30.73 -1.05
C PRO B 5 18.97 30.38 -2.50
N PHE B 6 19.15 31.29 -3.45
CA PHE B 6 18.92 30.95 -4.85
C PHE B 6 19.95 29.93 -5.35
N GLU B 7 21.18 30.06 -4.89
CA GLU B 7 22.21 29.08 -5.23
C GLU B 7 21.94 27.76 -4.51
N ARG B 8 21.55 27.82 -3.24
CA ARG B 8 21.19 26.61 -2.51
C ARG B 8 20.05 25.87 -3.20
N ASN B 9 19.11 26.62 -3.75
CA ASN B 9 17.96 26.00 -4.41
C ASN B 9 18.40 25.18 -5.62
N LYS B 10 19.45 25.64 -6.28
CA LYS B 10 20.01 24.93 -7.44
C LYS B 10 20.56 23.58 -7.02
N ILE B 11 21.14 23.51 -5.83
CA ILE B 11 21.66 22.26 -5.28
C ILE B 11 20.57 21.19 -5.14
N LEU B 12 19.38 21.60 -4.69
CA LEU B 12 18.26 20.67 -4.57
C LEU B 12 17.91 20.03 -5.91
N GLY B 13 17.68 20.87 -6.91
CA GLY B 13 17.30 20.38 -8.21
C GLY B 13 16.10 19.46 -8.13
N ARG B 14 16.16 18.36 -8.87
CA ARG B 14 15.07 17.40 -8.91
C ARG B 14 15.27 16.32 -7.85
N GLY B 15 14.21 16.08 -7.09
CA GLY B 15 14.29 15.11 -6.02
C GLY B 15 13.05 14.26 -5.94
N ILE B 16 13.01 13.44 -4.91
CA ILE B 16 11.86 12.58 -4.69
C ILE B 16 11.63 12.43 -3.19
N ASN B 17 10.36 12.40 -2.81
CA ASN B 17 9.97 12.13 -1.43
C ASN B 17 10.01 10.66 -1.14
N ILE B 18 10.56 10.29 0.00
CA ILE B 18 10.39 8.94 0.50
C ILE B 18 9.28 8.99 1.54
N GLY B 19 8.06 8.81 1.06
CA GLY B 19 6.88 8.96 1.89
C GLY B 19 6.23 7.65 2.31
N ASN B 20 5.21 7.79 3.14
CA ASN B 20 4.55 6.66 3.80
C ASN B 20 5.53 5.88 4.64
N ALA B 21 6.49 6.60 5.21
CA ALA B 21 7.62 6.03 5.93
C ALA B 21 7.70 6.66 7.32
N LEU B 22 8.61 7.63 7.50
CA LEU B 22 8.87 8.22 8.82
C LEU B 22 7.81 9.22 9.27
N GLU B 23 6.85 9.54 8.40
CA GLU B 23 5.77 10.44 8.77
C GLU B 23 4.51 9.70 9.25
N ALA B 24 4.53 8.37 9.20
CA ALA B 24 3.51 7.59 9.89
C ALA B 24 3.77 7.71 11.40
N PRO B 25 2.84 7.22 12.24
CA PRO B 25 3.11 7.31 13.68
C PRO B 25 4.42 6.61 14.06
N ASN B 26 4.66 5.47 13.44
CA ASN B 26 5.93 4.77 13.54
C ASN B 26 6.34 4.28 12.16
N GLU B 27 7.63 4.27 11.88
CA GLU B 27 8.11 3.87 10.56
C GLU B 27 7.61 2.47 10.23
N GLY B 28 7.07 2.31 9.03
CA GLY B 28 6.55 1.03 8.58
C GLY B 28 5.04 0.92 8.69
N ASP B 29 4.42 1.70 9.57
CA ASP B 29 2.97 1.63 9.76
C ASP B 29 2.24 1.82 8.43
N TRP B 30 2.76 2.69 7.58
CA TRP B 30 2.09 3.03 6.33
C TRP B 30 2.75 2.37 5.12
N GLY B 31 3.57 1.36 5.39
CA GLY B 31 3.98 0.45 4.33
C GLY B 31 5.41 0.58 3.85
N VAL B 32 6.10 1.64 4.24
CA VAL B 32 7.47 1.87 3.78
C VAL B 32 8.44 1.98 4.95
N VAL B 33 9.52 1.21 4.87
CA VAL B 33 10.65 1.37 5.76
C VAL B 33 11.82 1.80 4.87
N ILE B 34 12.53 2.84 5.28
CA ILE B 34 13.58 3.38 4.42
C ILE B 34 14.86 2.55 4.45
N LYS B 35 15.02 1.70 3.45
CA LYS B 35 16.22 0.87 3.36
C LYS B 35 17.38 1.69 2.83
N ASP B 36 18.56 1.43 3.36
CA ASP B 36 19.74 2.17 2.95
C ASP B 36 19.95 2.09 1.43
N GLU B 37 19.63 0.94 0.84
CA GLU B 37 19.80 0.75 -0.60
C GLU B 37 18.91 1.67 -1.43
N PHE B 38 17.85 2.22 -0.83
CA PHE B 38 16.99 3.16 -1.55
C PHE B 38 17.82 4.30 -2.12
N PHE B 39 18.87 4.69 -1.41
CA PHE B 39 19.65 5.84 -1.85
C PHE B 39 20.50 5.53 -3.08
N ASP B 40 20.96 4.28 -3.21
CA ASP B 40 21.65 3.86 -4.43
C ASP B 40 20.67 3.88 -5.59
N ILE B 41 19.49 3.32 -5.36
CA ILE B 41 18.44 3.26 -6.37
C ILE B 41 18.07 4.65 -6.86
N ILE B 42 17.86 5.57 -5.93
CA ILE B 42 17.45 6.92 -6.26
C ILE B 42 18.55 7.72 -6.96
N LYS B 43 19.78 7.64 -6.46
CA LYS B 43 20.89 8.35 -7.09
C LYS B 43 21.13 7.85 -8.52
N GLU B 44 21.08 6.53 -8.71
CA GLU B 44 21.34 5.96 -10.02
C GLU B 44 20.28 6.35 -11.04
N ALA B 45 19.06 6.60 -10.59
CA ALA B 45 17.97 7.00 -11.47
C ALA B 45 18.11 8.46 -11.93
N GLY B 46 18.96 9.23 -11.25
CA GLY B 46 19.26 10.58 -11.68
C GLY B 46 18.80 11.70 -10.78
N PHE B 47 18.22 11.37 -9.63
CA PHE B 47 17.76 12.40 -8.69
C PHE B 47 18.90 13.10 -7.96
N SER B 48 18.71 14.35 -7.66
CA SER B 48 19.67 15.17 -6.89
C SER B 48 19.48 15.23 -5.36
N HIS B 49 18.22 15.00 -4.97
CA HIS B 49 17.92 15.06 -3.53
C HIS B 49 16.78 14.14 -3.14
N VAL B 50 16.65 13.93 -1.84
CA VAL B 50 15.48 13.28 -1.28
C VAL B 50 14.85 14.19 -0.25
N ARG B 51 13.52 14.15 -0.18
CA ARG B 51 12.78 14.77 0.89
C ARG B 51 12.25 13.67 1.80
N ILE B 52 12.46 13.86 3.10
CA ILE B 52 12.14 12.86 4.11
C ILE B 52 11.10 13.42 5.08
N PRO B 53 9.83 13.12 4.85
CA PRO B 53 8.78 13.49 5.81
C PRO B 53 9.01 12.78 7.15
N ILE B 54 8.98 13.53 8.25
CA ILE B 54 9.26 12.96 9.57
C ILE B 54 8.26 13.44 10.61
N ARG B 55 7.56 12.48 11.23
CA ARG B 55 6.63 12.84 12.30
C ARG B 55 7.33 12.86 13.66
N TRP B 56 8.12 13.91 13.89
CA TRP B 56 8.84 14.04 15.15
C TRP B 56 7.91 14.03 16.35
N SER B 57 6.68 14.50 16.16
CA SER B 57 5.77 14.69 17.29
C SER B 57 5.36 13.41 18.01
N THR B 58 5.48 12.26 17.34
CA THR B 58 5.17 11.00 18.01
C THR B 58 6.41 10.34 18.60
N HIS B 59 7.50 11.13 18.70
CA HIS B 59 8.76 10.63 19.22
C HIS B 59 9.40 11.62 20.18
N ALA B 60 8.58 12.30 20.96
CA ALA B 60 9.08 13.30 21.90
C ALA B 60 8.21 13.36 23.14
N TYR B 61 8.79 13.79 24.26
CA TYR B 61 8.04 13.93 25.51
C TYR B 61 6.89 14.91 25.32
N ALA B 62 5.81 14.70 26.08
CA ALA B 62 4.60 15.50 25.96
C ALA B 62 4.68 16.80 26.75
N PHE B 63 5.56 16.83 27.73
CA PHE B 63 5.69 17.99 28.60
C PHE B 63 7.13 18.48 28.61
N PRO B 64 7.36 19.74 29.02
CA PRO B 64 8.73 20.23 29.05
C PRO B 64 9.67 19.21 29.70
N PRO B 65 10.87 19.03 29.14
CA PRO B 65 11.43 19.82 28.04
C PRO B 65 11.11 19.28 26.63
N TYR B 66 10.08 18.45 26.51
CA TYR B 66 9.67 17.95 25.20
C TYR B 66 10.82 17.26 24.47
N LYS B 67 11.61 16.50 25.20
CA LYS B 67 12.78 15.84 24.63
C LYS B 67 12.43 14.85 23.53
N ILE B 68 13.12 14.96 22.40
CA ILE B 68 13.01 13.99 21.32
C ILE B 68 13.78 12.74 21.72
N MET B 69 13.16 11.58 21.52
CA MET B 69 13.77 10.34 21.98
C MET B 69 15.05 10.04 21.21
N ASP B 70 16.11 9.73 21.96
CA ASP B 70 17.43 9.49 21.37
C ASP B 70 17.42 8.42 20.28
N ARG B 71 16.67 7.36 20.49
CA ARG B 71 16.61 6.28 19.53
C ARG B 71 16.00 6.73 18.20
N PHE B 72 15.10 7.71 18.24
CA PHE B 72 14.52 8.23 17.00
C PHE B 72 15.51 9.12 16.28
N PHE B 73 16.19 9.99 17.00
CA PHE B 73 17.28 10.76 16.41
C PHE B 73 18.28 9.83 15.74
N LYS B 74 18.62 8.71 16.38
CA LYS B 74 19.57 7.78 15.81
C LYS B 74 19.10 7.26 14.46
N ARG B 75 17.81 6.93 14.37
CA ARG B 75 17.22 6.47 13.12
C ARG B 75 17.25 7.56 12.05
N VAL B 76 16.84 8.77 12.41
CA VAL B 76 16.84 9.86 11.45
C VAL B 76 18.27 10.16 10.98
N ASP B 77 19.23 10.17 11.90
CA ASP B 77 20.63 10.35 11.52
C ASP B 77 21.02 9.32 10.44
N GLU B 78 20.63 8.07 10.66
CA GLU B 78 20.97 6.98 9.75
C GLU B 78 20.42 7.22 8.34
N VAL B 79 19.20 7.72 8.28
CA VAL B 79 18.56 8.04 7.01
C VAL B 79 19.25 9.21 6.31
N ILE B 80 19.46 10.29 7.05
CA ILE B 80 20.11 11.46 6.46
C ILE B 80 21.50 11.10 5.94
N ASN B 81 22.31 10.45 6.77
CA ASN B 81 23.65 10.10 6.35
C ASN B 81 23.66 9.10 5.21
N GLY B 82 22.65 8.24 5.15
CA GLY B 82 22.53 7.31 4.04
C GLY B 82 22.41 8.05 2.72
N ALA B 83 21.60 9.10 2.71
CA ALA B 83 21.42 9.89 1.51
C ALA B 83 22.70 10.68 1.19
N LEU B 84 23.30 11.28 2.21
CA LEU B 84 24.50 12.08 2.01
C LEU B 84 25.64 11.25 1.43
N LYS B 85 25.72 9.97 1.81
CA LYS B 85 26.76 9.08 1.31
C LYS B 85 26.71 8.94 -0.21
N ARG B 86 25.54 9.11 -0.79
CA ARG B 86 25.36 8.98 -2.23
C ARG B 86 25.43 10.31 -2.96
N GLY B 87 25.74 11.37 -2.23
CA GLY B 87 25.84 12.70 -2.81
C GLY B 87 24.48 13.34 -3.06
N LEU B 88 23.44 12.82 -2.41
CA LEU B 88 22.11 13.40 -2.48
C LEU B 88 21.98 14.51 -1.46
N ALA B 89 21.37 15.63 -1.84
CA ALA B 89 20.94 16.62 -0.86
C ALA B 89 19.72 16.05 -0.13
N VAL B 90 19.40 16.63 1.01
CA VAL B 90 18.36 16.08 1.89
C VAL B 90 17.52 17.20 2.46
N VAL B 91 16.20 17.04 2.38
CA VAL B 91 15.25 17.90 3.07
C VAL B 91 14.61 17.11 4.19
N ILE B 92 14.70 17.63 5.41
CA ILE B 92 13.96 17.05 6.54
C ILE B 92 12.94 18.06 7.01
N ASN B 93 11.86 17.58 7.60
CA ASN B 93 10.79 18.49 8.04
C ASN B 93 10.17 18.02 9.34
N ILE B 94 9.13 18.74 9.76
CA ILE B 94 8.17 18.22 10.74
C ILE B 94 6.85 18.00 10.00
N HIS B 95 6.39 16.76 9.97
CA HIS B 95 5.27 16.32 9.12
C HIS B 95 4.20 15.69 9.99
N HIS B 96 2.94 15.93 9.64
CA HIS B 96 1.79 15.38 10.36
C HIS B 96 1.84 15.59 11.87
N TYR B 97 2.15 16.82 12.23
CA TYR B 97 2.02 17.19 13.63
C TYR B 97 0.55 17.54 13.88
N GLU B 98 -0.26 16.49 13.99
CA GLU B 98 -1.72 16.63 14.03
C GLU B 98 -2.20 17.52 15.16
N GLU B 99 -1.60 17.35 16.34
CA GLU B 99 -2.05 18.10 17.51
C GLU B 99 -1.81 19.60 17.38
N LEU B 100 -0.74 19.98 16.68
CA LEU B 100 -0.45 21.38 16.44
C LEU B 100 -1.45 21.99 15.46
N MET B 101 -1.81 21.25 14.41
CA MET B 101 -2.83 21.71 13.48
C MET B 101 -4.15 21.93 14.20
N ASN B 102 -4.45 21.04 15.14
CA ASN B 102 -5.70 21.09 15.88
C ASN B 102 -5.74 22.20 16.91
N ASP B 103 -4.62 22.42 17.59
CA ASP B 103 -4.55 23.38 18.68
C ASP B 103 -3.19 24.07 18.69
N PRO B 104 -3.00 25.03 17.77
CA PRO B 104 -1.69 25.67 17.64
C PRO B 104 -1.25 26.40 18.89
N GLU B 105 -2.19 26.99 19.62
CA GLU B 105 -1.87 27.71 20.85
C GLU B 105 -1.26 26.76 21.88
N GLU B 106 -1.91 25.62 22.05
CA GLU B 106 -1.50 24.66 23.07
C GLU B 106 -0.15 24.02 22.74
N HIS B 107 0.09 23.77 21.46
CA HIS B 107 1.28 23.04 21.04
C HIS B 107 2.44 23.89 20.54
N LYS B 108 2.27 25.21 20.58
CA LYS B 108 3.32 26.12 20.11
C LYS B 108 4.66 25.87 20.80
N GLU B 109 4.66 25.79 22.12
CA GLU B 109 5.90 25.65 22.85
C GLU B 109 6.59 24.32 22.55
N ARG B 110 5.81 23.24 22.47
CA ARG B 110 6.39 21.95 22.13
C ARG B 110 7.00 21.98 20.73
N PHE B 111 6.28 22.56 19.78
CA PHE B 111 6.77 22.71 18.41
C PHE B 111 8.10 23.44 18.36
N LEU B 112 8.19 24.55 19.08
CA LEU B 112 9.41 25.34 19.11
C LEU B 112 10.55 24.57 19.79
N ALA B 113 10.22 23.77 20.80
CA ALA B 113 11.23 22.94 21.46
C ALA B 113 11.75 21.84 20.54
N LEU B 114 10.89 21.31 19.68
CA LEU B 114 11.32 20.32 18.70
C LEU B 114 12.35 20.94 17.77
N TRP B 115 12.08 22.14 17.26
CA TRP B 115 13.03 22.78 16.36
C TRP B 115 14.34 23.16 17.05
N LYS B 116 14.28 23.55 18.32
CA LYS B 116 15.51 23.82 19.05
C LYS B 116 16.41 22.58 19.02
N GLN B 117 15.81 21.43 19.28
CA GLN B 117 16.56 20.18 19.35
C GLN B 117 17.03 19.70 17.97
N ILE B 118 16.17 19.83 16.98
CA ILE B 118 16.52 19.37 15.64
C ILE B 118 17.64 20.23 15.06
N ALA B 119 17.52 21.54 15.21
CA ALA B 119 18.56 22.44 14.71
C ALA B 119 19.90 22.13 15.40
N ASP B 120 19.86 21.92 16.71
CA ASP B 120 21.08 21.60 17.43
C ASP B 120 21.68 20.27 16.97
N ARG B 121 20.82 19.29 16.73
CA ARG B 121 21.27 17.98 16.28
C ARG B 121 22.04 18.06 14.96
N TYR B 122 21.53 18.88 14.04
CA TYR B 122 22.03 18.86 12.67
C TYR B 122 22.87 20.08 12.27
N LYS B 123 23.19 20.93 13.24
CA LYS B 123 23.86 22.19 12.93
C LYS B 123 25.19 22.02 12.20
N ASP B 124 25.90 20.93 12.44
CA ASP B 124 27.19 20.78 11.79
C ASP B 124 27.18 19.84 10.59
N TYR B 125 26.00 19.36 10.22
CA TYR B 125 25.83 18.59 9.00
C TYR B 125 26.12 19.49 7.79
N PRO B 126 26.40 18.87 6.63
CA PRO B 126 26.74 19.64 5.43
C PRO B 126 25.65 20.60 5.00
N GLU B 127 26.03 21.56 4.17
CA GLU B 127 25.13 22.60 3.68
C GLU B 127 24.07 22.07 2.70
N THR B 128 24.18 20.79 2.34
CA THR B 128 23.20 20.17 1.46
C THR B 128 22.02 19.55 2.23
N LEU B 129 22.01 19.73 3.55
CA LEU B 129 20.85 19.41 4.37
C LEU B 129 20.01 20.66 4.55
N PHE B 130 18.70 20.53 4.34
CA PHE B 130 17.76 21.66 4.42
C PHE B 130 16.74 21.42 5.52
N PHE B 131 16.36 22.48 6.23
CA PHE B 131 15.38 22.38 7.33
C PHE B 131 14.03 22.95 6.89
N GLU B 132 13.02 22.09 6.76
CA GLU B 132 11.69 22.55 6.38
C GLU B 132 10.81 22.62 7.63
N ILE B 133 10.39 23.83 7.95
CA ILE B 133 9.76 24.12 9.24
C ILE B 133 8.55 23.25 9.59
N LEU B 134 7.56 23.20 8.70
CA LEU B 134 6.33 22.47 9.02
C LEU B 134 5.60 22.13 7.74
N ASN B 135 5.34 20.85 7.54
CA ASN B 135 4.59 20.43 6.37
C ASN B 135 3.14 20.88 6.39
N ALA B 136 2.73 21.53 5.30
CA ALA B 136 1.34 21.81 4.99
C ALA B 136 0.43 22.17 6.17
N PRO B 137 0.71 23.32 6.81
CA PRO B 137 -0.18 23.84 7.86
C PRO B 137 -1.61 23.92 7.36
N HIS B 138 -2.56 23.55 8.21
CA HIS B 138 -3.96 23.56 7.83
C HIS B 138 -4.84 23.54 9.06
N GLY B 139 -6.15 23.55 8.82
CA GLY B 139 -7.12 23.47 9.89
C GLY B 139 -7.11 24.68 10.79
N ASN B 140 -6.95 24.46 12.09
CA ASN B 140 -6.92 25.56 13.04
C ASN B 140 -5.61 26.33 13.02
N LEU B 141 -4.61 25.75 12.37
CA LEU B 141 -3.38 26.49 12.09
C LEU B 141 -3.61 27.27 10.79
N THR B 142 -4.30 28.41 10.96
CA THR B 142 -4.72 29.28 9.87
C THR B 142 -3.53 30.00 9.26
N PRO B 143 -3.73 30.64 8.09
CA PRO B 143 -2.64 31.42 7.51
C PRO B 143 -2.05 32.44 8.48
N GLU B 144 -2.90 33.13 9.26
CA GLU B 144 -2.36 34.10 10.20
C GLU B 144 -1.57 33.43 11.33
N LYS B 145 -2.09 32.33 11.85
CA LYS B 145 -1.38 31.62 12.92
C LYS B 145 -0.06 31.03 12.40
N TRP B 146 -0.05 30.61 11.15
CA TRP B 146 1.17 30.09 10.55
C TRP B 146 2.24 31.18 10.41
N ASN B 147 1.83 32.38 9.99
CA ASN B 147 2.80 33.46 9.90
C ASN B 147 3.44 33.71 11.27
N GLU B 148 2.64 33.63 12.33
CA GLU B 148 3.17 33.81 13.67
C GLU B 148 4.14 32.69 14.04
N LEU B 149 3.70 31.46 13.82
CA LEU B 149 4.49 30.29 14.22
C LEU B 149 5.78 30.18 13.43
N LEU B 150 5.71 30.43 12.13
CA LEU B 150 6.90 30.28 11.32
C LEU B 150 7.97 31.30 11.73
N GLU B 151 7.57 32.51 12.11
CA GLU B 151 8.54 33.51 12.54
C GLU B 151 9.20 33.08 13.84
N GLU B 152 8.40 32.55 14.77
CA GLU B 152 8.95 32.07 16.02
C GLU B 152 9.91 30.91 15.80
N ALA B 153 9.56 30.02 14.87
CA ALA B 153 10.43 28.89 14.55
C ALA B 153 11.73 29.35 13.92
N LEU B 154 11.64 30.33 13.02
CA LEU B 154 12.84 30.92 12.41
C LEU B 154 13.76 31.49 13.47
N LYS B 155 13.20 32.20 14.45
CA LYS B 155 14.01 32.77 15.52
C LYS B 155 14.74 31.67 16.29
N VAL B 156 14.03 30.60 16.61
CA VAL B 156 14.61 29.47 17.34
C VAL B 156 15.73 28.82 16.53
N ILE B 157 15.46 28.52 15.26
CA ILE B 157 16.47 27.87 14.44
C ILE B 157 17.70 28.75 14.26
N ARG B 158 17.47 30.03 13.96
CA ARG B 158 18.58 30.94 13.68
C ARG B 158 19.44 31.25 14.92
N SER B 159 18.90 31.06 16.11
CA SER B 159 19.69 31.22 17.32
C SER B 159 20.74 30.12 17.44
N ILE B 160 20.55 29.05 16.68
CA ILE B 160 21.41 27.86 16.77
C ILE B 160 22.22 27.63 15.49
N ASP B 161 21.63 27.98 14.36
CA ASP B 161 22.16 27.56 13.06
C ASP B 161 21.90 28.65 12.03
N LYS B 162 22.97 29.31 11.60
CA LYS B 162 22.88 30.35 10.58
C LYS B 162 23.52 29.88 9.28
N LYS B 163 23.72 28.57 9.16
CA LYS B 163 24.32 27.97 7.97
C LYS B 163 23.29 27.38 7.01
N HIS B 164 22.40 26.54 7.54
CA HIS B 164 21.48 25.79 6.71
C HIS B 164 20.34 26.63 6.18
N THR B 165 19.99 26.37 4.93
CA THR B 165 18.83 26.98 4.32
C THR B 165 17.57 26.38 4.91
N ILE B 166 16.62 27.26 5.21
CA ILE B 166 15.34 26.87 5.76
C ILE B 166 14.29 26.92 4.65
N ILE B 167 13.33 26.00 4.73
CA ILE B 167 12.26 25.89 3.73
C ILE B 167 10.92 26.19 4.40
N ILE B 168 10.19 27.14 3.82
CA ILE B 168 8.99 27.68 4.43
C ILE B 168 7.82 27.44 3.51
N GLY B 169 6.82 26.72 4.00
CA GLY B 169 5.65 26.42 3.20
C GLY B 169 4.52 27.39 3.41
N THR B 170 3.40 27.08 2.78
CA THR B 170 2.20 27.89 2.88
C THR B 170 1.14 27.15 3.70
N ALA B 171 0.16 27.91 4.20
CA ALA B 171 -0.95 27.34 4.96
C ALA B 171 -2.04 26.82 4.02
N GLU B 172 -3.23 26.59 4.55
CA GLU B 172 -4.33 26.00 3.77
C GLU B 172 -3.86 24.80 2.98
N TRP B 173 -3.14 23.91 3.66
CA TRP B 173 -2.67 22.65 3.10
C TRP B 173 -1.46 22.74 2.17
N GLY B 174 -0.79 23.88 2.15
CA GLY B 174 0.52 23.97 1.53
C GLY B 174 0.54 24.21 0.03
N GLY B 175 -0.59 24.56 -0.57
CA GLY B 175 -0.64 24.85 -1.99
C GLY B 175 -0.55 26.34 -2.31
N ILE B 176 -1.17 26.74 -3.42
CA ILE B 176 -1.08 28.11 -3.88
C ILE B 176 -2.12 29.02 -3.25
N SER B 177 -3.18 28.45 -2.70
CA SER B 177 -4.32 29.25 -2.25
C SER B 177 -3.95 30.26 -1.16
N ALA B 178 -2.98 29.92 -0.32
CA ALA B 178 -2.57 30.81 0.77
C ALA B 178 -1.20 31.46 0.54
N LEU B 179 -0.66 31.34 -0.66
CA LEU B 179 0.66 31.92 -0.94
C LEU B 179 0.67 33.43 -0.74
N GLU B 180 -0.37 34.09 -1.22
CA GLU B 180 -0.47 35.54 -1.09
C GLU B 180 -0.56 35.99 0.37
N LYS B 181 -1.04 35.09 1.24
CA LYS B 181 -1.17 35.39 2.67
C LYS B 181 0.13 35.16 3.44
N LEU B 182 1.08 34.46 2.81
CA LEU B 182 2.31 34.11 3.48
C LEU B 182 3.18 35.33 3.73
N SER B 183 3.70 35.44 4.95
CA SER B 183 4.64 36.50 5.30
C SER B 183 5.93 35.87 5.77
N VAL B 184 6.99 36.04 4.99
CA VAL B 184 8.31 35.59 5.41
C VAL B 184 9.02 36.79 6.00
N PRO B 185 9.50 36.68 7.25
CA PRO B 185 10.15 37.81 7.90
C PRO B 185 11.22 38.45 7.02
N LYS B 186 11.23 39.77 6.96
CA LYS B 186 12.17 40.50 6.11
C LYS B 186 13.61 40.40 6.61
N TRP B 187 13.79 39.99 7.86
CA TRP B 187 15.13 39.79 8.42
C TRP B 187 15.74 38.43 8.09
N GLU B 188 14.92 37.50 7.61
CA GLU B 188 15.41 36.18 7.23
C GLU B 188 15.75 36.16 5.75
N LYS B 189 16.96 35.75 5.41
CA LYS B 189 17.45 35.91 4.04
C LYS B 189 18.09 34.65 3.48
N ASN B 190 17.91 33.53 4.16
CA ASN B 190 18.40 32.25 3.65
C ASN B 190 17.32 31.18 3.72
N SER B 191 16.21 31.47 3.05
CA SER B 191 15.06 30.59 3.01
C SER B 191 14.53 30.41 1.60
N ILE B 192 13.97 29.23 1.37
CA ILE B 192 13.30 28.87 0.13
C ILE B 192 11.83 28.66 0.47
N VAL B 193 10.92 29.17 -0.37
CA VAL B 193 9.50 28.99 -0.15
C VAL B 193 9.05 27.76 -0.91
N THR B 194 8.29 26.90 -0.25
CA THR B 194 7.86 25.66 -0.86
C THR B 194 6.35 25.64 -1.06
N ILE B 195 5.95 25.08 -2.20
CA ILE B 195 4.56 24.88 -2.54
C ILE B 195 4.37 23.41 -2.87
N HIS B 196 3.24 22.86 -2.48
CA HIS B 196 2.85 21.52 -2.91
C HIS B 196 1.83 21.67 -4.00
N TYR B 197 2.12 21.09 -5.15
CA TYR B 197 1.27 21.31 -6.30
C TYR B 197 0.55 20.07 -6.74
N TYR B 198 -0.77 20.08 -6.54
CA TYR B 198 -1.59 18.90 -6.79
C TYR B 198 -2.81 19.25 -7.64
N ASN B 199 -2.80 20.41 -8.28
CA ASN B 199 -3.94 20.82 -9.09
C ASN B 199 -3.91 20.23 -10.49
N PRO B 200 -5.09 19.84 -11.02
CA PRO B 200 -6.39 19.88 -10.34
C PRO B 200 -6.50 18.80 -9.28
N PHE B 201 -6.90 19.22 -8.07
CA PHE B 201 -6.93 18.31 -6.94
C PHE B 201 -7.83 17.11 -7.20
N GLU B 202 -8.96 17.33 -7.87
CA GLU B 202 -9.89 16.24 -8.14
C GLU B 202 -9.26 15.22 -9.09
N PHE B 203 -8.36 15.68 -9.95
CA PHE B 203 -7.63 14.75 -10.80
C PHE B 203 -6.57 13.97 -10.01
N THR B 204 -5.70 14.67 -9.30
CA THR B 204 -4.57 14.01 -8.65
C THR B 204 -4.98 13.16 -7.46
N HIS B 205 -6.11 13.46 -6.85
CA HIS B 205 -6.53 12.76 -5.65
C HIS B 205 -7.82 11.96 -5.83
N GLN B 206 -8.18 11.69 -7.08
CA GLN B 206 -9.40 10.92 -7.31
C GLN B 206 -9.34 9.56 -6.60
N GLY B 207 -10.40 9.27 -5.85
CA GLY B 207 -10.50 8.03 -5.10
C GLY B 207 -9.55 7.87 -3.92
N ALA B 208 -8.80 8.91 -3.56
CA ALA B 208 -7.89 8.80 -2.43
C ALA B 208 -8.65 8.49 -1.15
N GLU B 209 -8.27 7.41 -0.49
CA GLU B 209 -9.04 6.90 0.66
C GLU B 209 -9.10 7.91 1.79
N TRP B 210 -8.08 8.76 1.89
CA TRP B 210 -7.97 9.70 3.00
C TRP B 210 -8.62 11.06 2.71
N VAL B 211 -9.26 11.20 1.56
CA VAL B 211 -9.89 12.46 1.16
C VAL B 211 -11.40 12.29 1.04
N GLU B 212 -12.15 13.02 1.86
CA GLU B 212 -13.60 12.91 1.86
C GLU B 212 -14.20 13.19 0.48
N GLY B 213 -15.12 12.33 0.05
CA GLY B 213 -15.83 12.53 -1.20
C GLY B 213 -15.04 12.24 -2.46
N SER B 214 -13.81 11.76 -2.32
CA SER B 214 -12.93 11.60 -3.47
C SER B 214 -13.41 10.58 -4.49
N GLU B 215 -14.28 9.65 -4.09
CA GLU B 215 -14.71 8.63 -5.04
C GLU B 215 -15.46 9.26 -6.21
N LYS B 216 -16.04 10.44 -5.99
CA LYS B 216 -16.84 11.10 -7.01
C LYS B 216 -15.99 11.54 -8.21
N TRP B 217 -14.68 11.64 -8.00
CA TRP B 217 -13.78 12.17 -9.02
C TRP B 217 -13.17 11.08 -9.88
N LEU B 218 -13.40 9.83 -9.52
CA LEU B 218 -12.83 8.72 -10.28
C LEU B 218 -13.22 8.80 -11.75
N GLY B 219 -12.23 8.64 -12.61
CA GLY B 219 -12.43 8.76 -14.05
C GLY B 219 -11.92 10.06 -14.63
N ARG B 220 -11.65 11.05 -13.79
CA ARG B 220 -11.18 12.34 -14.28
C ARG B 220 -9.89 12.19 -15.07
N LYS B 221 -9.83 12.83 -16.23
CA LYS B 221 -8.66 12.78 -17.10
C LYS B 221 -7.87 14.08 -16.98
N TRP B 222 -6.67 14.09 -17.56
CA TRP B 222 -5.89 15.33 -17.69
C TRP B 222 -5.09 15.28 -18.98
N GLY B 223 -5.05 16.41 -19.69
CA GLY B 223 -4.18 16.50 -20.85
C GLY B 223 -4.56 17.50 -21.93
N SER B 224 -5.72 18.14 -21.80
CA SER B 224 -6.22 19.00 -22.87
C SER B 224 -5.44 20.31 -22.93
N PRO B 225 -5.53 21.01 -24.07
CA PRO B 225 -4.92 22.35 -24.14
C PRO B 225 -5.42 23.25 -23.01
N ASP B 226 -6.70 23.16 -22.66
CA ASP B 226 -7.24 23.97 -21.58
C ASP B 226 -6.66 23.57 -20.22
N ASP B 227 -6.50 22.27 -19.99
CA ASP B 227 -5.83 21.80 -18.77
C ASP B 227 -4.44 22.41 -18.66
N GLN B 228 -3.71 22.42 -19.76
CA GLN B 228 -2.35 22.94 -19.78
C GLN B 228 -2.33 24.42 -19.48
N LYS B 229 -3.25 25.16 -20.10
CA LYS B 229 -3.33 26.61 -19.93
C LYS B 229 -3.58 26.99 -18.47
N HIS B 230 -4.52 26.29 -17.84
CA HIS B 230 -4.88 26.60 -16.47
C HIS B 230 -3.71 26.38 -15.51
N LEU B 231 -2.97 25.31 -15.75
CA LEU B 231 -1.82 24.99 -14.89
C LEU B 231 -0.73 26.06 -15.07
N ILE B 232 -0.45 26.43 -16.31
CA ILE B 232 0.51 27.48 -16.60
C ILE B 232 0.13 28.80 -15.91
N GLU B 233 -1.16 29.13 -15.92
CA GLU B 233 -1.60 30.35 -15.25
C GLU B 233 -1.24 30.31 -13.76
N GLU B 234 -1.44 29.16 -13.14
CA GLU B 234 -1.12 29.02 -11.71
C GLU B 234 0.39 29.10 -11.48
N PHE B 235 1.17 28.49 -12.36
CA PHE B 235 2.63 28.56 -12.23
C PHE B 235 3.10 30.00 -12.43
N ASN B 236 2.46 30.73 -13.32
CA ASN B 236 2.81 32.13 -13.53
C ASN B 236 2.53 32.96 -12.28
N PHE B 237 1.44 32.64 -11.60
CA PHE B 237 1.12 33.29 -10.33
C PHE B 237 2.22 33.06 -9.29
N ILE B 238 2.65 31.82 -9.16
CA ILE B 238 3.73 31.50 -8.23
C ILE B 238 5.01 32.23 -8.62
N GLU B 239 5.32 32.23 -9.92
CA GLU B 239 6.55 32.84 -10.40
C GLU B 239 6.55 34.34 -10.14
N GLU B 240 5.42 34.99 -10.38
CA GLU B 240 5.34 36.43 -10.13
C GLU B 240 5.49 36.73 -8.65
N TRP B 241 4.91 35.88 -7.80
CA TRP B 241 5.07 36.05 -6.36
C TRP B 241 6.54 35.93 -5.95
N SER B 242 7.20 34.93 -6.52
CA SER B 242 8.62 34.69 -6.25
C SER B 242 9.48 35.90 -6.63
N LYS B 243 9.22 36.47 -7.80
CA LYS B 243 9.97 37.63 -8.27
C LYS B 243 9.68 38.86 -7.42
N LYS B 244 8.41 39.07 -7.09
CA LYS B 244 8.02 40.23 -6.30
C LYS B 244 8.63 40.17 -4.91
N ASN B 245 8.69 38.98 -4.33
CA ASN B 245 9.15 38.81 -2.95
C ASN B 245 10.59 38.33 -2.82
N LYS B 246 11.25 38.12 -3.95
CA LYS B 246 12.66 37.71 -3.95
C LYS B 246 12.90 36.46 -3.11
N ARG B 247 12.09 35.43 -3.35
CA ARG B 247 12.25 34.14 -2.65
C ARG B 247 12.33 33.04 -3.69
N PRO B 248 13.31 32.13 -3.54
CA PRO B 248 13.35 30.98 -4.46
C PRO B 248 12.18 30.04 -4.17
N ILE B 249 11.85 29.21 -5.15
CA ILE B 249 10.71 28.30 -5.05
C ILE B 249 11.12 26.84 -5.18
N TYR B 250 10.57 26.01 -4.30
CA TYR B 250 10.73 24.56 -4.28
C TYR B 250 9.34 23.96 -4.30
N ILE B 251 9.03 23.18 -5.34
CA ILE B 251 7.77 22.44 -5.36
C ILE B 251 8.04 21.13 -4.65
N GLY B 252 7.84 21.13 -3.34
CA GLY B 252 8.31 20.04 -2.50
C GLY B 252 7.51 18.76 -2.59
N GLU B 253 6.31 18.85 -3.15
CA GLU B 253 5.47 17.69 -3.46
C GLU B 253 4.66 17.98 -4.70
N PHE B 254 4.57 17.00 -5.58
CA PHE B 254 3.63 17.01 -6.70
C PHE B 254 3.51 15.56 -7.15
N GLY B 255 2.31 15.17 -7.57
CA GLY B 255 2.10 13.81 -8.03
C GLY B 255 0.62 13.51 -8.19
N ALA B 256 0.33 12.46 -8.94
CA ALA B 256 -1.05 12.02 -9.13
C ALA B 256 -1.18 10.60 -8.61
N TYR B 257 -2.26 10.36 -7.88
CA TYR B 257 -2.50 9.09 -7.23
C TYR B 257 -2.71 7.97 -8.26
N ARG B 258 -2.36 6.74 -7.88
CA ARG B 258 -2.41 5.61 -8.81
C ARG B 258 -3.81 5.26 -9.30
N LYS B 259 -4.86 5.70 -8.66
CA LYS B 259 -6.21 5.49 -9.21
C LYS B 259 -6.53 6.31 -10.42
N ALA B 260 -5.73 7.37 -10.65
CA ALA B 260 -5.91 8.17 -11.85
C ALA B 260 -5.43 7.40 -13.07
N ASP B 261 -6.15 7.59 -14.16
CA ASP B 261 -5.76 7.11 -15.48
C ASP B 261 -4.25 7.25 -15.72
N LEU B 262 -3.57 6.15 -16.02
CA LEU B 262 -2.11 6.18 -16.10
C LEU B 262 -1.59 7.12 -17.17
N GLU B 263 -2.18 7.07 -18.36
CA GLU B 263 -1.78 7.98 -19.42
C GLU B 263 -1.89 9.44 -18.97
N SER B 264 -2.98 9.77 -18.29
CA SER B 264 -3.15 11.12 -17.74
C SER B 264 -2.09 11.44 -16.69
N ARG B 265 -1.76 10.48 -15.84
CA ARG B 265 -0.74 10.69 -14.82
C ARG B 265 0.59 11.05 -15.48
N ILE B 266 0.93 10.34 -16.54
CA ILE B 266 2.19 10.58 -17.24
C ILE B 266 2.18 11.94 -17.91
N LYS B 267 1.07 12.30 -18.54
CA LYS B 267 0.98 13.60 -19.19
C LYS B 267 1.10 14.73 -18.17
N TRP B 268 0.36 14.61 -17.06
CA TRP B 268 0.38 15.64 -16.03
C TRP B 268 1.76 15.77 -15.40
N THR B 269 2.35 14.65 -15.05
CA THR B 269 3.64 14.65 -14.37
C THR B 269 4.73 15.23 -15.29
N SER B 270 4.74 14.79 -16.54
CA SER B 270 5.72 15.28 -17.50
C SER B 270 5.59 16.79 -17.73
N PHE B 271 4.35 17.25 -17.85
CA PHE B 271 4.06 18.65 -18.10
C PHE B 271 4.48 19.52 -16.92
N VAL B 272 4.07 19.14 -15.72
CA VAL B 272 4.42 19.95 -14.57
C VAL B 272 5.93 20.04 -14.37
N VAL B 273 6.64 18.93 -14.58
CA VAL B 273 8.10 18.96 -14.43
C VAL B 273 8.76 19.92 -15.43
N ARG B 274 8.33 19.86 -16.69
CA ARG B 274 8.85 20.75 -17.71
C ARG B 274 8.58 22.20 -17.34
N GLU B 275 7.39 22.47 -16.82
CA GLU B 275 7.02 23.84 -16.50
C GLU B 275 7.73 24.37 -15.25
N MET B 276 7.98 23.50 -14.28
CA MET B 276 8.75 23.88 -13.10
C MET B 276 10.20 24.18 -13.48
N GLU B 277 10.77 23.32 -14.32
CA GLU B 277 12.15 23.46 -14.76
C GLU B 277 12.36 24.77 -15.53
N LYS B 278 11.39 25.11 -16.37
CA LYS B 278 11.44 26.34 -17.15
C LYS B 278 11.56 27.56 -16.25
N ARG B 279 10.97 27.45 -15.06
CA ARG B 279 10.94 28.56 -14.11
C ARG B 279 12.06 28.48 -13.08
N ARG B 280 12.94 27.48 -13.24
CA ARG B 280 14.12 27.30 -12.41
C ARG B 280 13.81 26.92 -10.98
N TRP B 281 12.68 26.27 -10.78
CA TRP B 281 12.29 25.81 -9.47
C TRP B 281 12.90 24.45 -9.20
N SER B 282 13.23 24.21 -7.93
CA SER B 282 13.53 22.86 -7.48
C SER B 282 12.21 22.13 -7.28
N LEU B 283 12.25 20.80 -7.17
CA LEU B 283 11.02 20.02 -7.19
C LEU B 283 11.26 18.63 -6.64
N ALA B 284 10.26 18.09 -5.96
CA ALA B 284 10.34 16.71 -5.45
C ALA B 284 9.03 15.98 -5.66
N TYR B 285 9.10 14.86 -6.36
CA TYR B 285 7.93 14.05 -6.66
C TYR B 285 7.38 13.38 -5.42
N TRP B 286 6.06 13.35 -5.31
CA TRP B 286 5.38 12.57 -4.29
C TRP B 286 4.81 11.34 -4.98
N GLU B 287 5.35 10.13 -4.74
CA GLU B 287 6.53 9.85 -3.92
C GLU B 287 7.20 8.59 -4.44
N PHE B 288 8.21 8.09 -3.74
CA PHE B 288 9.08 7.03 -4.22
C PHE B 288 8.37 5.69 -4.52
N CYS B 289 7.74 5.09 -3.52
CA CYS B 289 7.34 3.68 -3.65
C CYS B 289 6.01 3.29 -3.02
N SER B 290 5.15 4.26 -2.74
CA SER B 290 3.85 3.96 -2.13
C SER B 290 2.70 4.17 -3.13
N GLY B 291 1.59 4.74 -2.67
CA GLY B 291 0.41 4.88 -3.51
C GLY B 291 0.53 5.79 -4.71
N PHE B 292 1.51 6.71 -4.68
CA PHE B 292 1.82 7.55 -5.83
C PHE B 292 3.13 7.06 -6.45
N GLY B 293 3.60 5.90 -6.00
CA GLY B 293 4.97 5.48 -6.23
C GLY B 293 5.38 5.25 -7.67
N VAL B 294 6.66 5.46 -7.94
CA VAL B 294 7.21 5.21 -9.27
C VAL B 294 8.19 4.04 -9.24
N TYR B 295 8.49 3.55 -8.04
CA TYR B 295 9.38 2.40 -7.88
C TYR B 295 8.68 1.31 -7.08
N ASP B 296 8.81 0.07 -7.53
CA ASP B 296 8.20 -1.07 -6.85
C ASP B 296 9.29 -1.79 -6.09
N THR B 297 9.27 -1.71 -4.76
CA THR B 297 10.36 -2.23 -3.94
C THR B 297 10.38 -3.75 -3.91
N LEU B 298 9.21 -4.35 -4.08
CA LEU B 298 9.07 -5.79 -4.02
C LEU B 298 9.54 -6.43 -5.31
N ARG B 299 9.08 -5.88 -6.43
CA ARG B 299 9.41 -6.43 -7.75
C ARG B 299 10.66 -5.78 -8.32
N LYS B 300 11.15 -4.76 -7.61
CA LYS B 300 12.42 -4.09 -7.94
C LYS B 300 12.44 -3.50 -9.34
N THR B 301 11.43 -2.70 -9.65
CA THR B 301 11.36 -2.07 -10.96
C THR B 301 10.82 -0.66 -10.87
N TRP B 302 11.31 0.22 -11.74
CA TRP B 302 10.72 1.54 -11.91
C TRP B 302 9.60 1.48 -12.92
N ASN B 303 8.61 2.35 -12.76
CA ASN B 303 7.68 2.65 -13.82
C ASN B 303 8.44 3.52 -14.82
N LYS B 304 8.85 2.93 -15.93
CA LYS B 304 9.74 3.61 -16.86
C LYS B 304 9.19 4.93 -17.38
N ASP B 305 7.92 4.94 -17.77
CA ASP B 305 7.33 6.14 -18.32
C ASP B 305 7.20 7.25 -17.28
N LEU B 306 6.85 6.90 -16.05
CA LEU B 306 6.75 7.90 -14.99
C LEU B 306 8.12 8.41 -14.57
N LEU B 307 9.11 7.52 -14.54
CA LEU B 307 10.46 7.95 -14.21
C LEU B 307 10.97 8.92 -15.28
N GLU B 308 10.68 8.61 -16.54
CA GLU B 308 11.10 9.49 -17.63
C GLU B 308 10.46 10.87 -17.51
N ALA B 309 9.20 10.89 -17.09
CA ALA B 309 8.50 12.15 -16.85
C ALA B 309 9.24 13.01 -15.82
N LEU B 310 9.88 12.36 -14.85
CA LEU B 310 10.58 13.07 -13.78
C LEU B 310 12.01 13.45 -14.16
N ILE B 311 12.69 12.54 -14.83
CA ILE B 311 14.10 12.67 -15.18
C ILE B 311 14.96 12.98 -13.95
C1 BMA C . 0.58 16.07 1.05
C2 BMA C . 0.99 15.46 2.32
C3 BMA C . 1.27 14.03 2.26
C4 BMA C . 0.17 13.28 1.57
C5 BMA C . 0.13 13.79 0.15
C6 BMA C . -0.89 13.09 -0.67
O1 BMA C . -0.24 17.10 1.33
O2 BMA C . -0.07 15.68 3.27
O3 BMA C . 1.52 13.61 3.59
O4 BMA C . 0.34 11.84 1.60
O5 BMA C . -0.13 15.17 0.06
O6 BMA C . -2.24 13.40 -0.36
C1 BMA C . -0.77 11.13 2.03
C2 BMA C . -0.47 9.64 1.88
C3 BMA C . -1.55 8.80 2.44
C4 BMA C . -1.84 9.12 3.81
C5 BMA C . -2.08 10.60 3.96
C6 BMA C . -2.21 11.00 5.35
O2 BMA C . 0.75 9.39 2.51
O3 BMA C . -1.20 7.40 2.26
O4 BMA C . -2.99 8.45 4.30
O5 BMA C . -1.01 11.40 3.37
O6 BMA C . -2.60 12.31 5.54
C1 BMA C . -2.70 7.42 5.20
C2 BMA C . -3.80 7.23 6.25
C3 BMA C . -3.60 6.03 7.07
C4 BMA C . -3.44 4.89 6.26
C5 BMA C . -2.26 5.08 5.34
C6 BMA C . -2.07 3.88 4.51
O2 BMA C . -5.05 7.20 5.62
O3 BMA C . -4.69 5.85 8.04
O4 BMA C . -3.22 3.71 7.04
O5 BMA C . -2.46 6.25 4.47
O6 BMA C . -1.61 4.06 3.22
#